data_5I30
#
_entry.id   5I30
#
_cell.length_a   72.220
_cell.length_b   170.470
_cell.length_c   78.270
_cell.angle_alpha   90.000
_cell.angle_beta   90.000
_cell.angle_gamma   90.000
#
_symmetry.space_group_name_H-M   'C 2 2 21'
#
loop_
_entity.id
_entity.type
_entity.pdbx_description
1 polymer 'Fab PL-2 light chain'
2 polymer 'Fab PL-2 heavy chain'
3 non-polymer 2-acetamido-2-deoxy-beta-D-glucopyranose
4 water water
#
loop_
_entity_poly.entity_id
_entity_poly.type
_entity_poly.pdbx_seq_one_letter_code
_entity_poly.pdbx_strand_id
1 'polypeptide(L)'
;DIQMTQTTSSLSASLGDRVTISCRASQDISNYLNWYQQKPDGTVKLLIYYTSRLHSGVPSRFSGSGSGTDYSLTISNLEQ
EDIATYFCQQGNTFPPTFGGGTKLEIKRADAAPTVSIFPPSSEQLTSGGASVVCFLNNFYPKDINVKWKIDGSERQNGVL
NSWTDQDSKDSTYSMSSTLTLTKDEYERHNSYTCEATHKTSTSPIVKSFNRNEC
;
L
2 'polypeptide(L)'
;DVQLKQSGPGLVQPSQSLSITCTVSGFSLIDYGVHWVRQSPGKGLEWLGVIWTGGSTDYNAAFISRLTISKDNSKSQVFF
KMNSLQANDTGIYYCGRPYYGNVMDYWGQGTSVTVSSAKTTAPSVYPLAPVCGDTTGSSVTLGCLVKGYFPEPVTLTWNS
GSLSSGVHTFPAVLQSDLYTLSSSVTVTSSTWPSQSITCNVAHPASSTKVDKKIEPRGPTI
;
H
#
# COMPACT_ATOMS: atom_id res chain seq x y z
N ASP A 1 -27.79 3.47 -7.68
CA ASP A 1 -26.91 2.99 -6.62
C ASP A 1 -26.99 4.00 -5.48
N ILE A 2 -27.08 3.54 -4.24
CA ILE A 2 -27.00 4.49 -3.13
C ILE A 2 -25.58 5.00 -3.04
N GLN A 3 -25.41 6.32 -3.09
CA GLN A 3 -24.10 6.95 -2.92
C GLN A 3 -23.81 7.11 -1.43
N MET A 4 -22.63 6.68 -1.03
CA MET A 4 -22.14 6.76 0.35
C MET A 4 -21.02 7.77 0.38
N THR A 5 -21.20 8.82 1.16
CA THR A 5 -20.25 9.94 1.17
C THR A 5 -19.66 10.03 2.56
N GLN A 6 -18.36 9.85 2.66
CA GLN A 6 -17.70 10.04 3.95
C GLN A 6 -17.28 11.49 4.03
N THR A 7 -17.71 12.15 5.10
CA THR A 7 -17.65 13.60 5.20
C THR A 7 -16.22 14.08 5.18
N THR A 8 -15.31 13.26 5.62
CA THR A 8 -13.92 13.63 5.82
C THR A 8 -13.03 12.59 5.18
N SER A 9 -12.07 13.03 4.36
CA SER A 9 -11.20 12.12 3.62
CA SER A 9 -11.22 12.09 3.64
C SER A 9 -10.04 11.61 4.46
N SER A 10 -9.59 12.39 5.41
CA SER A 10 -8.37 12.02 6.11
C SER A 10 -8.36 12.76 7.43
N LEU A 11 -7.93 12.08 8.47
CA LEU A 11 -7.95 12.60 9.84
C LEU A 11 -6.61 12.35 10.51
N SER A 12 -6.25 13.25 11.40
CA SER A 12 -5.03 13.18 12.21
C SER A 12 -5.47 13.34 13.65
N ALA A 13 -5.19 12.34 14.49
CA ALA A 13 -5.67 12.37 15.87
C ALA A 13 -4.58 11.82 16.78
N SER A 14 -4.58 12.23 18.03
CA SER A 14 -3.49 11.85 18.94
C SER A 14 -3.87 10.57 19.70
N LEU A 15 -2.84 9.87 20.20
CA LEU A 15 -3.09 8.74 21.07
C LEU A 15 -4.05 9.13 22.18
N GLY A 16 -5.00 8.23 22.44
CA GLY A 16 -5.99 8.42 23.45
C GLY A 16 -7.16 9.32 23.05
N ASP A 17 -7.10 9.99 21.89
CA ASP A 17 -8.21 10.87 21.45
C ASP A 17 -9.45 10.06 21.17
N ARG A 18 -10.60 10.62 21.49
CA ARG A 18 -11.84 10.17 20.92
C ARG A 18 -11.90 10.66 19.47
N VAL A 19 -12.17 9.74 18.53
CA VAL A 19 -12.14 10.04 17.10
C VAL A 19 -13.46 9.59 16.50
N THR A 20 -14.02 10.39 15.60
CA THR A 20 -15.22 9.88 14.97
C THR A 20 -15.12 10.10 13.46
N ILE A 21 -15.68 9.15 12.74
CA ILE A 21 -15.64 9.10 11.29
C ILE A 21 -17.06 8.95 10.83
N SER A 22 -17.49 9.76 9.85
CA SER A 22 -18.90 9.75 9.52
C SER A 22 -19.18 9.43 8.06
N CYS A 23 -20.42 9.07 7.81
CA CYS A 23 -20.85 8.64 6.50
C CYS A 23 -22.25 9.18 6.28
N ARG A 24 -22.56 9.64 5.07
CA ARG A 24 -23.93 10.00 4.72
C ARG A 24 -24.36 9.20 3.50
N ALA A 25 -25.48 8.50 3.60
CA ALA A 25 -26.08 7.83 2.43
C ALA A 25 -27.01 8.75 1.67
N SER A 26 -27.14 8.51 0.34
CA SER A 26 -27.99 9.39 -0.44
C SER A 26 -29.44 9.10 -0.20
N GLN A 27 -29.74 8.05 0.52
CA GLN A 27 -31.09 7.74 0.86
C GLN A 27 -31.14 6.88 2.11
N ASP A 28 -32.27 6.89 2.78
CA ASP A 28 -32.37 6.11 4.01
C ASP A 28 -31.92 4.68 3.76
N ILE A 29 -31.02 4.17 4.60
CA ILE A 29 -30.53 2.81 4.43
C ILE A 29 -30.86 1.95 5.63
N SER A 30 -31.68 2.45 6.56
CA SER A 30 -32.38 1.63 7.54
C SER A 30 -31.40 0.82 8.39
N ASN A 31 -30.31 1.47 8.79
CA ASN A 31 -29.29 0.97 9.70
C ASN A 31 -28.46 -0.15 9.12
N TYR A 32 -28.62 -0.46 7.84
CA TYR A 32 -27.80 -1.51 7.23
CA TYR A 32 -27.83 -1.50 7.17
C TYR A 32 -26.49 -0.88 6.77
N LEU A 33 -25.66 -0.56 7.77
CA LEU A 33 -24.44 0.21 7.54
C LEU A 33 -23.31 -0.50 8.30
N ASN A 34 -22.25 -0.86 7.59
CA ASN A 34 -21.15 -1.58 8.24
C ASN A 34 -19.89 -0.78 8.04
N TRP A 35 -18.91 -1.00 8.92
CA TRP A 35 -17.65 -0.25 8.89
C TRP A 35 -16.50 -1.25 8.77
N TYR A 36 -15.60 -1.02 7.81
CA TYR A 36 -14.44 -1.86 7.57
C TYR A 36 -13.17 -1.03 7.75
N GLN A 37 -12.13 -1.72 8.19
CA GLN A 37 -10.82 -1.14 8.42
C GLN A 37 -9.85 -1.77 7.42
N GLN A 38 -9.18 -0.95 6.62
CA GLN A 38 -8.18 -1.45 5.69
C GLN A 38 -6.81 -0.93 6.11
N LYS A 39 -5.88 -1.82 6.21
CA LYS A 39 -4.50 -1.45 6.50
C LYS A 39 -3.73 -1.21 5.21
N PRO A 40 -2.60 -0.48 5.30
CA PRO A 40 -1.78 -0.26 4.09
C PRO A 40 -1.31 -1.52 3.42
N ASP A 41 -1.15 -2.64 4.14
CA ASP A 41 -0.77 -3.85 3.44
C ASP A 41 -1.91 -4.49 2.69
N GLY A 42 -3.10 -3.91 2.71
CA GLY A 42 -4.22 -4.47 1.98
C GLY A 42 -5.17 -5.27 2.82
N THR A 43 -4.83 -5.57 4.08
CA THR A 43 -5.69 -6.32 5.00
C THR A 43 -6.97 -5.55 5.21
N VAL A 44 -8.10 -6.23 5.17
CA VAL A 44 -9.37 -5.57 5.46
C VAL A 44 -10.06 -6.37 6.54
N LYS A 45 -10.58 -5.69 7.56
CA LYS A 45 -11.31 -6.33 8.64
C LYS A 45 -12.66 -5.64 8.83
N LEU A 46 -13.65 -6.42 9.23
CA LEU A 46 -14.91 -5.86 9.68
C LEU A 46 -14.81 -5.37 11.11
N LEU A 47 -15.35 -4.18 11.38
CA LEU A 47 -15.33 -3.60 12.72
C LEU A 47 -16.74 -3.59 13.31
N ILE A 48 -17.64 -2.96 12.58
CA ILE A 48 -18.99 -2.66 13.06
C ILE A 48 -19.96 -3.05 11.95
N TYR A 49 -21.11 -3.68 12.32
CA TYR A 49 -22.13 -4.01 11.34
C TYR A 49 -23.50 -3.67 11.91
N TYR A 50 -24.45 -3.50 11.00
CA TYR A 50 -25.79 -3.05 11.36
C TYR A 50 -25.73 -1.83 12.28
N THR A 51 -24.96 -0.83 11.83
CA THR A 51 -24.78 0.47 12.48
C THR A 51 -23.91 0.37 13.74
N SER A 52 -24.25 -0.52 14.67
CA SER A 52 -23.66 -0.42 16.01
C SER A 52 -23.19 -1.74 16.60
N ARG A 53 -23.32 -2.87 15.90
CA ARG A 53 -22.97 -4.15 16.46
CA ARG A 53 -22.96 -4.16 16.46
C ARG A 53 -21.46 -4.42 16.28
N LEU A 54 -20.76 -4.77 17.38
CA LEU A 54 -19.31 -4.99 17.31
C LEU A 54 -18.97 -6.36 16.75
N HIS A 55 -18.10 -6.42 15.75
CA HIS A 55 -17.69 -7.74 15.21
C HIS A 55 -16.84 -8.46 16.25
N SER A 56 -16.98 -9.78 16.34
CA SER A 56 -16.22 -10.56 17.32
C SER A 56 -14.73 -10.30 17.22
N GLY A 57 -14.10 -10.04 18.37
CA GLY A 57 -12.69 -9.81 18.46
C GLY A 57 -12.30 -8.36 18.23
N VAL A 58 -13.24 -7.54 17.79
CA VAL A 58 -12.96 -6.11 17.66
C VAL A 58 -12.94 -5.48 19.05
N PRO A 59 -11.96 -4.65 19.36
CA PRO A 59 -11.90 -4.03 20.68
C PRO A 59 -13.10 -3.12 20.93
N SER A 60 -13.54 -3.11 22.18
CA SER A 60 -14.75 -2.39 22.58
C SER A 60 -14.56 -0.89 22.46
N ARG A 61 -13.36 -0.42 22.15
CA ARG A 61 -13.21 1.00 21.89
C ARG A 61 -13.88 1.41 20.57
N PHE A 62 -14.24 0.47 19.70
CA PHE A 62 -14.93 0.82 18.48
C PHE A 62 -16.42 0.79 18.76
N SER A 63 -17.14 1.81 18.31
CA SER A 63 -18.60 1.74 18.39
C SER A 63 -19.18 2.41 17.14
N GLY A 64 -20.48 2.25 16.91
CA GLY A 64 -21.12 2.99 15.84
C GLY A 64 -22.50 3.49 16.23
N SER A 65 -22.96 4.50 15.51
CA SER A 65 -24.27 5.08 15.76
C SER A 65 -24.81 5.64 14.45
N GLY A 66 -26.10 5.97 14.44
CA GLY A 66 -26.67 6.59 13.29
C GLY A 66 -28.03 6.05 12.97
N SER A 67 -28.73 6.72 12.07
CA SER A 67 -29.95 6.16 11.48
C SER A 67 -30.27 6.99 10.25
N GLY A 68 -31.30 6.57 9.51
CA GLY A 68 -31.65 7.33 8.34
C GLY A 68 -30.49 7.27 7.37
N THR A 69 -29.94 8.43 7.06
CA THR A 69 -28.84 8.50 6.12
C THR A 69 -27.49 8.71 6.79
N ASP A 70 -27.45 8.98 8.09
CA ASP A 70 -26.26 9.58 8.70
C ASP A 70 -25.70 8.63 9.76
N TYR A 71 -24.43 8.26 9.64
CA TYR A 71 -23.89 7.21 10.50
C TYR A 71 -22.48 7.59 10.89
N SER A 72 -22.02 7.11 12.05
CA SER A 72 -20.70 7.48 12.53
CA SER A 72 -20.70 7.48 12.55
C SER A 72 -20.06 6.29 13.22
N LEU A 73 -18.77 6.12 12.99
CA LEU A 73 -17.92 5.18 13.70
C LEU A 73 -17.15 6.01 14.71
N THR A 74 -17.07 5.53 15.95
CA THR A 74 -16.31 6.23 16.97
C THR A 74 -15.28 5.27 17.53
N ILE A 75 -14.09 5.81 17.76
CA ILE A 75 -13.04 5.16 18.51
C ILE A 75 -12.94 5.94 19.80
N SER A 76 -13.21 5.26 20.91
CA SER A 76 -13.30 5.99 22.18
C SER A 76 -11.94 6.56 22.57
N ASN A 77 -10.86 5.82 22.31
CA ASN A 77 -9.51 6.26 22.64
CA ASN A 77 -9.51 6.25 22.65
C ASN A 77 -8.57 5.68 21.61
N LEU A 78 -7.93 6.55 20.84
CA LEU A 78 -7.12 6.10 19.73
C LEU A 78 -5.90 5.34 20.26
N GLU A 79 -5.63 4.19 19.65
CA GLU A 79 -4.45 3.39 19.93
C GLU A 79 -3.58 3.27 18.69
N GLN A 80 -2.32 2.85 18.95
CA GLN A 80 -1.31 2.73 17.90
C GLN A 80 -1.78 1.90 16.73
N GLU A 81 -2.47 0.82 17.02
CA GLU A 81 -2.93 -0.09 15.97
C GLU A 81 -4.04 0.42 15.07
N ASP A 82 -4.56 1.58 15.41
CA ASP A 82 -5.70 2.09 14.68
C ASP A 82 -5.35 2.85 13.41
N ILE A 83 -4.06 3.02 13.08
CA ILE A 83 -3.71 3.64 11.80
C ILE A 83 -4.26 2.77 10.66
N ALA A 84 -5.14 3.32 9.84
CA ALA A 84 -5.86 2.52 8.84
C ALA A 84 -6.72 3.47 8.02
N THR A 85 -7.33 2.95 6.96
CA THR A 85 -8.40 3.67 6.31
C THR A 85 -9.71 2.99 6.67
N TYR A 86 -10.74 3.77 6.97
CA TYR A 86 -12.02 3.26 7.48
C TYR A 86 -13.08 3.53 6.42
N PHE A 87 -13.81 2.48 6.02
CA PHE A 87 -14.83 2.57 4.98
C PHE A 87 -16.18 2.17 5.54
N CYS A 88 -17.23 2.90 5.14
CA CYS A 88 -18.57 2.47 5.43
C CYS A 88 -19.13 1.71 4.22
N GLN A 89 -20.15 0.90 4.46
CA GLN A 89 -20.79 0.15 3.40
C GLN A 89 -22.26 0.03 3.73
N GLN A 90 -23.15 0.42 2.81
CA GLN A 90 -24.58 0.15 3.02
C GLN A 90 -24.91 -1.18 2.40
N GLY A 91 -25.77 -1.94 3.08
CA GLY A 91 -26.26 -3.13 2.45
C GLY A 91 -27.76 -3.19 2.40
N ASN A 92 -28.41 -2.02 2.40
CA ASN A 92 -29.87 -2.05 2.40
CA ASN A 92 -29.89 -1.95 2.39
C ASN A 92 -30.44 -2.18 1.00
N THR A 93 -29.77 -1.66 -0.03
CA THR A 93 -30.31 -1.82 -1.38
C THR A 93 -29.22 -2.24 -2.35
N PHE A 94 -29.64 -3.00 -3.35
CA PHE A 94 -28.71 -3.54 -4.32
C PHE A 94 -28.30 -2.42 -5.26
N PRO A 95 -27.02 -2.36 -5.64
CA PRO A 95 -25.91 -3.19 -5.11
C PRO A 95 -25.37 -2.60 -3.80
N PRO A 96 -24.76 -3.42 -2.96
CA PRO A 96 -23.98 -2.85 -1.85
C PRO A 96 -23.04 -1.79 -2.38
N THR A 97 -22.86 -0.69 -1.62
CA THR A 97 -21.97 0.38 -2.08
C THR A 97 -21.16 0.85 -0.89
N PHE A 98 -19.98 1.39 -1.18
CA PHE A 98 -19.04 1.77 -0.14
C PHE A 98 -18.80 3.27 -0.16
N GLY A 99 -18.44 3.81 0.99
CA GLY A 99 -17.95 5.17 1.03
C GLY A 99 -16.55 5.23 0.52
N GLY A 100 -16.08 6.47 0.30
CA GLY A 100 -14.75 6.70 -0.25
C GLY A 100 -13.62 6.43 0.75
N GLY A 101 -13.96 6.24 2.02
CA GLY A 101 -12.96 5.97 3.03
C GLY A 101 -12.48 7.22 3.74
N THR A 102 -12.05 7.04 5.00
CA THR A 102 -11.44 8.10 5.81
C THR A 102 -10.13 7.53 6.31
N LYS A 103 -9.02 8.13 5.87
CA LYS A 103 -7.69 7.71 6.30
C LYS A 103 -7.47 8.26 7.71
N LEU A 104 -6.90 7.47 8.59
CA LEU A 104 -6.67 7.90 9.97
C LEU A 104 -5.18 7.77 10.27
N GLU A 105 -4.52 8.90 10.55
CA GLU A 105 -3.12 8.91 10.95
C GLU A 105 -3.02 9.42 12.38
N ILE A 106 -1.97 9.04 13.03
CA ILE A 106 -1.75 9.49 14.39
C ILE A 106 -0.95 10.78 14.33
N LYS A 107 -1.46 11.79 15.05
CA LYS A 107 -0.76 13.04 15.30
C LYS A 107 0.23 12.87 16.45
N ARG A 108 1.46 13.32 16.27
CA ARG A 108 2.48 13.15 17.29
C ARG A 108 3.48 14.30 17.22
N ALA A 109 4.40 14.31 18.17
CA ALA A 109 5.40 15.36 18.26
C ALA A 109 6.34 15.27 17.07
N ASP A 110 6.93 16.42 16.76
CA ASP A 110 7.86 16.54 15.65
C ASP A 110 8.88 15.45 15.68
N ALA A 111 9.26 14.97 14.49
CA ALA A 111 10.45 14.12 14.39
C ALA A 111 11.24 14.55 13.18
N ALA A 112 12.51 14.96 13.42
CA ALA A 112 13.32 15.43 12.31
C ALA A 112 13.75 14.24 11.47
N PRO A 113 13.81 14.39 10.14
CA PRO A 113 14.24 13.26 9.31
C PRO A 113 15.72 12.96 9.54
N THR A 114 16.06 11.68 9.52
CA THR A 114 17.46 11.26 9.38
C THR A 114 17.75 11.09 7.89
N VAL A 115 18.66 11.89 7.37
CA VAL A 115 18.83 12.00 5.94
C VAL A 115 20.13 11.33 5.54
N SER A 116 20.08 10.48 4.54
CA SER A 116 21.29 9.86 4.01
C SER A 116 21.32 10.04 2.51
N ILE A 117 22.50 10.32 1.94
CA ILE A 117 22.56 10.48 0.49
C ILE A 117 23.51 9.44 -0.07
N PHE A 118 23.17 8.89 -1.23
CA PHE A 118 23.95 7.81 -1.83
C PHE A 118 24.34 8.11 -3.27
N PRO A 119 25.63 8.13 -3.59
CA PRO A 119 26.07 8.26 -4.96
C PRO A 119 25.67 7.03 -5.77
N PRO A 120 25.72 7.11 -7.10
CA PRO A 120 25.53 5.92 -7.93
C PRO A 120 26.48 4.80 -7.51
N SER A 121 25.99 3.57 -7.57
CA SER A 121 26.89 2.44 -7.34
C SER A 121 27.83 2.26 -8.53
N SER A 122 28.96 1.61 -8.28
CA SER A 122 29.87 1.36 -9.38
C SER A 122 29.22 0.47 -10.42
N GLU A 123 28.36 -0.46 -9.99
CA GLU A 123 27.65 -1.32 -10.93
C GLU A 123 26.82 -0.51 -11.92
N GLN A 124 26.02 0.44 -11.43
CA GLN A 124 25.14 1.19 -12.32
C GLN A 124 25.93 2.12 -13.22
N LEU A 125 27.06 2.62 -12.74
CA LEU A 125 27.89 3.53 -13.53
C LEU A 125 28.49 2.79 -14.70
N THR A 126 29.03 1.60 -14.45
CA THR A 126 29.52 0.76 -15.54
C THR A 126 28.42 0.33 -16.49
N SER A 127 27.17 0.69 -16.23
CA SER A 127 26.07 0.43 -17.14
C SER A 127 25.57 1.68 -17.85
N GLY A 128 26.21 2.83 -17.63
CA GLY A 128 25.84 4.08 -18.28
C GLY A 128 24.86 4.93 -17.51
N GLY A 129 24.42 4.46 -16.35
CA GLY A 129 23.39 5.14 -15.59
C GLY A 129 23.94 5.70 -14.30
N ALA A 130 23.19 6.62 -13.68
CA ALA A 130 23.64 7.24 -12.43
C ALA A 130 22.40 7.71 -11.67
N SER A 131 22.03 6.96 -10.65
CA SER A 131 20.94 7.36 -9.79
C SER A 131 21.54 7.80 -8.47
N VAL A 132 21.17 9.00 -8.03
CA VAL A 132 21.53 9.47 -6.70
C VAL A 132 20.30 9.35 -5.80
N VAL A 133 20.47 8.77 -4.62
CA VAL A 133 19.34 8.41 -3.78
C VAL A 133 19.47 9.17 -2.46
N CYS A 134 18.36 9.70 -2.00
CA CYS A 134 18.33 10.34 -0.70
C CYS A 134 17.21 9.67 0.08
N PHE A 135 17.52 9.15 1.27
CA PHE A 135 16.49 8.67 2.17
C PHE A 135 16.30 9.68 3.28
N LEU A 136 15.08 9.96 3.61
CA LEU A 136 14.75 10.87 4.70
C LEU A 136 13.84 10.07 5.60
N ASN A 137 14.38 9.60 6.72
CA ASN A 137 13.74 8.51 7.43
C ASN A 137 13.21 8.97 8.78
N ASN A 138 12.06 8.40 9.14
CA ASN A 138 11.46 8.50 10.48
C ASN A 138 11.27 9.96 10.88
N PHE A 139 10.47 10.66 10.08
CA PHE A 139 10.15 12.05 10.37
C PHE A 139 8.66 12.23 10.57
N TYR A 140 8.31 13.38 11.14
CA TYR A 140 6.90 13.68 11.38
C TYR A 140 6.88 15.22 11.59
N PRO A 141 5.94 15.92 10.98
CA PRO A 141 4.82 15.43 10.17
C PRO A 141 5.19 14.99 8.73
N LYS A 142 4.18 14.55 8.00
CA LYS A 142 4.46 13.92 6.71
C LYS A 142 4.85 14.93 5.64
N ASP A 143 4.50 16.20 5.82
CA ASP A 143 4.84 17.21 4.82
C ASP A 143 6.33 17.48 4.83
N ILE A 144 7.00 17.10 3.76
CA ILE A 144 8.43 17.37 3.63
C ILE A 144 8.63 17.67 2.15
N ASN A 145 9.51 18.61 1.85
CA ASN A 145 9.77 19.04 0.48
C ASN A 145 11.24 18.75 0.20
N VAL A 146 11.54 18.10 -0.91
CA VAL A 146 12.92 17.75 -1.24
C VAL A 146 13.24 18.42 -2.55
N LYS A 147 14.40 19.05 -2.61
CA LYS A 147 14.90 19.63 -3.84
C LYS A 147 16.28 19.05 -4.09
N TRP A 148 16.57 18.70 -5.32
CA TRP A 148 17.91 18.28 -5.71
C TRP A 148 18.64 19.48 -6.29
N LYS A 149 19.84 19.77 -5.76
CA LYS A 149 20.76 20.74 -6.34
C LYS A 149 21.99 20.02 -6.90
N ILE A 150 22.31 20.30 -8.15
CA ILE A 150 23.54 19.85 -8.77
C ILE A 150 24.40 21.08 -8.97
N ASP A 151 25.53 21.16 -8.26
CA ASP A 151 26.41 22.33 -8.32
C ASP A 151 25.63 23.62 -8.10
N GLY A 152 24.68 23.57 -7.18
CA GLY A 152 23.94 24.75 -6.82
C GLY A 152 22.62 24.95 -7.54
N SER A 153 22.41 24.30 -8.69
CA SER A 153 21.20 24.54 -9.48
C SER A 153 20.15 23.46 -9.25
N GLU A 154 18.93 23.88 -8.98
CA GLU A 154 17.86 22.91 -8.80
C GLU A 154 17.69 22.11 -10.09
N ARG A 155 17.34 20.87 -9.90
CA ARG A 155 17.09 19.97 -10.96
C ARG A 155 15.74 19.30 -10.74
N GLN A 156 14.72 19.79 -11.43
CA GLN A 156 13.39 19.19 -11.32
C GLN A 156 13.26 17.91 -12.11
N ASN A 157 14.15 17.71 -13.08
CA ASN A 157 14.01 16.65 -14.07
C ASN A 157 14.60 15.34 -13.58
N GLY A 158 13.86 14.26 -13.78
CA GLY A 158 14.35 12.95 -13.45
C GLY A 158 14.31 12.62 -11.97
N VAL A 159 13.40 13.20 -11.22
CA VAL A 159 13.30 12.92 -9.78
C VAL A 159 12.11 12.01 -9.55
N LEU A 160 12.29 10.97 -8.74
CA LEU A 160 11.20 10.10 -8.31
C LEU A 160 11.13 10.11 -6.79
N ASN A 161 9.94 10.36 -6.23
CA ASN A 161 9.76 10.42 -4.79
C ASN A 161 8.78 9.37 -4.34
N SER A 162 9.07 8.80 -3.19
CA SER A 162 8.16 7.79 -2.63
C SER A 162 8.11 7.95 -1.13
N TRP A 163 6.89 8.07 -0.58
CA TRP A 163 6.66 8.10 0.85
C TRP A 163 6.18 6.74 1.31
N THR A 164 6.63 6.33 2.48
CA THR A 164 5.95 5.22 3.14
C THR A 164 4.60 5.68 3.68
N ASP A 165 3.79 4.71 4.02
CA ASP A 165 2.68 4.95 4.92
C ASP A 165 3.22 5.20 6.33
N GLN A 166 2.33 5.61 7.23
CA GLN A 166 2.72 5.95 8.59
C GLN A 166 3.18 4.70 9.31
N ASP A 167 4.32 4.81 10.01
CA ASP A 167 4.89 3.66 10.67
C ASP A 167 3.98 3.10 11.75
N SER A 168 3.89 1.75 11.79
CA SER A 168 2.91 1.14 12.68
C SER A 168 3.37 1.16 14.13
N LYS A 169 4.62 1.47 14.40
CA LYS A 169 5.14 1.53 15.76
C LYS A 169 5.45 2.92 16.27
N ASP A 170 6.06 3.77 15.48
CA ASP A 170 6.44 5.07 16.01
C ASP A 170 5.72 6.23 15.33
N SER A 171 4.78 5.95 14.44
CA SER A 171 3.94 6.94 13.82
C SER A 171 4.72 7.95 12.98
N THR A 172 5.93 7.59 12.51
CA THR A 172 6.64 8.49 11.63
C THR A 172 6.42 8.07 10.19
N TYR A 173 7.01 8.85 9.29
CA TYR A 173 7.03 8.59 7.86
C TYR A 173 8.47 8.52 7.40
N SER A 174 8.66 7.90 6.25
CA SER A 174 9.97 7.99 5.61
C SER A 174 9.73 8.25 4.14
N MET A 175 10.75 8.75 3.47
CA MET A 175 10.61 9.11 2.08
CA MET A 175 10.60 9.03 2.07
C MET A 175 11.94 8.82 1.39
N SER A 176 11.87 8.35 0.17
CA SER A 176 13.04 8.12 -0.67
C SER A 176 12.90 9.01 -1.89
N SER A 177 13.97 9.72 -2.23
CA SER A 177 13.97 10.52 -3.43
C SER A 177 15.14 10.07 -4.29
N THR A 178 14.88 9.79 -5.56
CA THR A 178 15.95 9.37 -6.47
C THR A 178 16.07 10.36 -7.62
N LEU A 179 17.29 10.81 -7.87
CA LEU A 179 17.58 11.65 -9.01
C LEU A 179 18.33 10.77 -10.01
N THR A 180 17.78 10.56 -11.20
CA THR A 180 18.46 9.72 -12.17
C THR A 180 19.01 10.56 -13.30
N LEU A 181 20.29 10.35 -13.60
CA LEU A 181 21.04 11.08 -14.63
C LEU A 181 21.69 10.07 -15.55
N THR A 182 22.14 10.53 -16.70
CA THR A 182 23.07 9.71 -17.44
C THR A 182 24.40 9.68 -16.70
N LYS A 183 25.20 8.64 -16.95
CA LYS A 183 26.54 8.60 -16.36
C LYS A 183 27.36 9.82 -16.77
N ASP A 184 27.32 10.18 -18.05
CA ASP A 184 28.12 11.32 -18.51
C ASP A 184 27.67 12.60 -17.82
N GLU A 185 26.36 12.77 -17.66
CA GLU A 185 25.88 13.97 -17.00
C GLU A 185 26.29 13.96 -15.53
N TYR A 186 26.19 12.79 -14.87
CA TYR A 186 26.64 12.68 -13.49
C TYR A 186 28.12 13.00 -13.34
N GLU A 187 28.94 12.59 -14.30
CA GLU A 187 30.39 12.82 -14.17
C GLU A 187 30.79 14.23 -14.52
N ARG A 188 29.88 15.02 -15.11
CA ARG A 188 30.13 16.39 -15.53
C ARG A 188 29.85 17.42 -14.44
N HIS A 189 29.32 17.00 -13.28
CA HIS A 189 29.05 17.88 -12.16
C HIS A 189 29.74 17.34 -10.91
N ASN A 190 29.89 18.18 -9.87
CA ASN A 190 30.66 17.74 -8.71
C ASN A 190 29.82 17.60 -7.45
N SER A 191 29.08 18.62 -7.07
CA SER A 191 28.36 18.61 -5.80
C SER A 191 26.92 18.19 -6.04
N TYR A 192 26.47 17.24 -5.23
CA TYR A 192 25.14 16.66 -5.34
C TYR A 192 24.46 16.84 -3.99
N THR A 193 23.33 17.53 -3.97
CA THR A 193 22.73 17.94 -2.72
C THR A 193 21.27 17.56 -2.73
N CYS A 194 20.87 16.80 -1.73
CA CYS A 194 19.50 16.50 -1.38
C CYS A 194 19.12 17.52 -0.31
N GLU A 195 18.18 18.42 -0.63
CA GLU A 195 17.79 19.53 0.23
C GLU A 195 16.33 19.37 0.64
N ALA A 196 16.06 19.44 1.93
CA ALA A 196 14.72 19.12 2.40
C ALA A 196 14.23 20.20 3.34
N THR A 197 12.99 20.63 3.13
CA THR A 197 12.37 21.52 4.09
C THR A 197 11.31 20.74 4.84
N HIS A 198 11.18 21.07 6.10
CA HIS A 198 10.31 20.32 6.96
C HIS A 198 9.99 21.18 8.17
N LYS A 199 8.92 20.82 8.88
CA LYS A 199 8.54 21.55 10.10
C LYS A 199 9.70 21.66 11.08
N THR A 200 10.57 20.65 11.12
CA THR A 200 11.62 20.59 12.12
C THR A 200 12.82 21.44 11.76
N SER A 201 12.85 22.08 10.61
CA SER A 201 14.05 22.84 10.34
C SER A 201 13.75 24.24 9.84
N THR A 202 14.52 25.19 10.37
CA THR A 202 14.39 26.58 10.06
C THR A 202 14.83 26.74 8.63
N SER A 203 16.06 26.34 8.36
CA SER A 203 16.55 26.39 7.02
C SER A 203 16.47 24.98 6.41
N PRO A 204 16.77 24.91 5.06
CA PRO A 204 16.73 23.56 4.49
C PRO A 204 17.70 22.61 5.19
N ILE A 205 17.36 21.33 5.24
CA ILE A 205 18.19 20.28 5.78
C ILE A 205 18.93 19.84 4.54
N VAL A 206 20.23 19.84 4.58
CA VAL A 206 21.07 19.60 3.42
C VAL A 206 21.89 18.36 3.68
N LYS A 207 21.88 17.44 2.75
CA LYS A 207 22.79 16.32 2.74
C LYS A 207 23.44 16.38 1.37
N SER A 208 24.77 16.35 1.34
CA SER A 208 25.52 16.59 0.11
C SER A 208 26.76 15.72 0.02
N PHE A 209 27.20 15.43 -1.21
CA PHE A 209 28.52 14.87 -1.40
C PHE A 209 29.14 15.50 -2.64
N ASN A 210 30.46 15.50 -2.69
CA ASN A 210 31.19 15.91 -3.89
C ASN A 210 31.64 14.66 -4.60
N ARG A 211 31.25 14.52 -5.86
CA ARG A 211 31.65 13.36 -6.64
C ARG A 211 33.18 13.37 -6.59
N ASN A 212 33.81 12.40 -5.94
CA ASN A 212 35.05 12.80 -5.23
C ASN A 212 36.18 13.33 -6.12
N ASP B 1 -7.95 -19.43 11.65
CA ASP B 1 -9.31 -19.87 11.79
C ASP B 1 -9.98 -19.77 10.44
N VAL B 2 -10.82 -18.74 10.28
CA VAL B 2 -11.39 -18.44 8.96
C VAL B 2 -10.34 -17.72 8.14
N GLN B 3 -10.10 -18.22 6.94
CA GLN B 3 -9.15 -17.59 6.03
C GLN B 3 -9.74 -17.67 4.65
N LEU B 4 -9.57 -16.62 3.85
CA LEU B 4 -9.79 -16.69 2.42
C LEU B 4 -8.47 -16.36 1.77
N LYS B 5 -7.96 -17.27 0.94
CA LYS B 5 -6.63 -17.08 0.37
C LYS B 5 -6.77 -16.93 -1.12
N GLN B 6 -6.36 -15.77 -1.66
CA GLN B 6 -6.55 -15.47 -3.07
C GLN B 6 -5.30 -15.81 -3.86
N SER B 7 -5.48 -16.15 -5.13
CA SER B 7 -4.28 -16.31 -5.94
C SER B 7 -3.47 -15.00 -6.01
N GLY B 8 -2.23 -15.15 -6.50
CA GLY B 8 -1.23 -14.10 -6.41
C GLY B 8 -1.46 -13.02 -7.43
N PRO B 9 -0.61 -11.98 -7.38
CA PRO B 9 -0.78 -10.82 -8.27
C PRO B 9 -0.79 -11.26 -9.73
N GLY B 10 -1.46 -10.49 -10.56
CA GLY B 10 -1.57 -10.84 -11.96
C GLY B 10 -1.40 -9.63 -12.86
N LEU B 11 -0.78 -9.88 -14.00
CA LEU B 11 -0.71 -8.92 -15.08
C LEU B 11 -1.60 -9.48 -16.19
N VAL B 12 -2.55 -8.67 -16.66
CA VAL B 12 -3.36 -9.08 -17.81
C VAL B 12 -3.19 -8.01 -18.87
N GLN B 13 -3.15 -8.45 -20.10
CA GLN B 13 -3.07 -7.46 -21.17
C GLN B 13 -4.45 -6.92 -21.46
N PRO B 14 -4.53 -5.63 -21.85
CA PRO B 14 -5.84 -5.06 -22.25
C PRO B 14 -6.58 -6.01 -23.17
N SER B 15 -7.90 -6.11 -22.96
CA SER B 15 -8.84 -6.92 -23.73
C SER B 15 -8.71 -8.40 -23.39
N GLN B 16 -7.75 -8.79 -22.56
CA GLN B 16 -7.74 -10.18 -22.15
C GLN B 16 -8.53 -10.33 -20.84
N SER B 17 -8.57 -11.53 -20.32
CA SER B 17 -9.44 -11.82 -19.20
C SER B 17 -8.62 -12.08 -17.94
N LEU B 18 -9.28 -11.86 -16.81
CA LEU B 18 -8.69 -12.01 -15.49
C LEU B 18 -9.37 -13.19 -14.82
N SER B 19 -8.58 -14.01 -14.13
CA SER B 19 -9.11 -15.14 -13.39
CA SER B 19 -9.10 -15.14 -13.38
C SER B 19 -8.44 -15.16 -12.02
N ILE B 20 -9.25 -15.15 -10.98
CA ILE B 20 -8.78 -15.18 -9.62
C ILE B 20 -9.45 -16.35 -8.93
N THR B 21 -8.68 -17.09 -8.14
CA THR B 21 -9.22 -18.14 -7.29
C THR B 21 -9.16 -17.72 -5.83
N CYS B 22 -10.21 -18.05 -5.10
CA CYS B 22 -10.30 -17.79 -3.67
C CYS B 22 -10.48 -19.16 -3.01
N THR B 23 -9.55 -19.55 -2.13
CA THR B 23 -9.60 -20.84 -1.44
C THR B 23 -9.86 -20.56 0.02
N VAL B 24 -10.98 -21.10 0.53
CA VAL B 24 -11.45 -20.77 1.87
C VAL B 24 -11.11 -21.87 2.84
N SER B 25 -10.85 -21.48 4.09
CA SER B 25 -10.54 -22.40 5.19
C SER B 25 -11.33 -21.94 6.38
N GLY B 26 -11.67 -22.89 7.25
CA GLY B 26 -12.40 -22.58 8.44
C GLY B 26 -13.89 -22.48 8.24
N PHE B 27 -14.36 -22.61 7.00
CA PHE B 27 -15.79 -22.64 6.73
C PHE B 27 -15.96 -23.29 5.37
N SER B 28 -17.19 -23.73 5.07
CA SER B 28 -17.48 -24.32 3.78
C SER B 28 -18.32 -23.39 2.91
N LEU B 29 -18.25 -23.64 1.62
CA LEU B 29 -19.02 -22.86 0.68
C LEU B 29 -20.45 -23.36 0.65
N ILE B 30 -20.68 -24.51 1.28
CA ILE B 30 -22.04 -24.99 1.48
C ILE B 30 -22.76 -24.07 2.43
N ASP B 31 -22.04 -23.54 3.43
CA ASP B 31 -22.65 -22.79 4.50
C ASP B 31 -22.59 -21.29 4.28
N TYR B 32 -21.66 -20.79 3.49
CA TYR B 32 -21.54 -19.35 3.31
C TYR B 32 -21.39 -18.99 1.85
N GLY B 33 -21.87 -17.81 1.52
CA GLY B 33 -21.64 -17.24 0.21
C GLY B 33 -20.28 -16.58 0.19
N VAL B 34 -19.87 -16.10 -0.99
CA VAL B 34 -18.63 -15.31 -1.14
C VAL B 34 -18.94 -14.10 -2.03
N HIS B 35 -18.62 -12.89 -1.55
CA HIS B 35 -18.70 -11.65 -2.32
C HIS B 35 -17.34 -11.31 -2.92
N TRP B 36 -17.35 -10.56 -4.01
CA TRP B 36 -16.16 -10.04 -4.68
C TRP B 36 -16.34 -8.54 -4.76
N VAL B 37 -15.29 -7.83 -4.41
CA VAL B 37 -15.29 -6.38 -4.42
C VAL B 37 -13.92 -6.00 -4.95
N ARG B 38 -13.83 -4.84 -5.60
CA ARG B 38 -12.51 -4.34 -5.99
C ARG B 38 -12.32 -2.89 -5.57
N GLN B 39 -11.08 -2.49 -5.52
CA GLN B 39 -10.71 -1.13 -5.16
C GLN B 39 -9.83 -0.61 -6.27
N SER B 40 -10.26 0.43 -6.93
CA SER B 40 -9.41 1.02 -7.95
C SER B 40 -8.96 2.41 -7.53
N PRO B 41 -7.91 2.96 -8.17
CA PRO B 41 -7.61 4.39 -7.95
C PRO B 41 -8.78 5.29 -8.27
N GLY B 42 -9.50 5.00 -9.35
CA GLY B 42 -10.52 5.85 -9.92
C GLY B 42 -11.93 5.73 -9.37
N LYS B 43 -12.19 4.69 -8.61
CA LYS B 43 -13.51 4.51 -8.11
C LYS B 43 -13.64 4.05 -6.64
N GLY B 44 -12.55 3.88 -5.93
CA GLY B 44 -12.70 3.45 -4.53
C GLY B 44 -13.18 1.99 -4.54
N LEU B 45 -13.82 1.57 -3.44
CA LEU B 45 -14.34 0.19 -3.38
C LEU B 45 -15.66 0.05 -4.10
N GLU B 46 -15.73 -0.98 -4.95
CA GLU B 46 -16.86 -1.29 -5.80
C GLU B 46 -17.24 -2.74 -5.56
N TRP B 47 -18.49 -2.98 -5.21
CA TRP B 47 -18.94 -4.37 -5.07
C TRP B 47 -19.16 -4.94 -6.46
N LEU B 48 -18.68 -6.15 -6.71
CA LEU B 48 -18.83 -6.74 -8.04
C LEU B 48 -19.87 -7.85 -8.11
N GLY B 49 -19.94 -8.73 -7.12
CA GLY B 49 -20.86 -9.85 -7.27
C GLY B 49 -20.82 -10.75 -6.07
N VAL B 50 -21.70 -11.75 -6.08
CA VAL B 50 -21.75 -12.68 -4.96
C VAL B 50 -22.17 -14.01 -5.52
N ILE B 51 -21.69 -15.10 -4.92
CA ILE B 51 -22.20 -16.43 -5.22
C ILE B 51 -22.76 -17.00 -3.93
N TRP B 52 -24.01 -17.37 -3.97
CA TRP B 52 -24.70 -17.77 -2.75
C TRP B 52 -24.39 -19.24 -2.47
N THR B 53 -24.87 -19.75 -1.33
CA THR B 53 -24.60 -21.15 -0.96
C THR B 53 -25.12 -22.11 -1.99
N GLY B 54 -26.29 -21.81 -2.58
CA GLY B 54 -26.85 -22.72 -3.55
C GLY B 54 -26.31 -22.61 -4.96
N GLY B 55 -25.33 -21.75 -5.18
CA GLY B 55 -24.73 -21.66 -6.50
C GLY B 55 -25.17 -20.47 -7.34
N SER B 56 -26.27 -19.82 -6.99
CA SER B 56 -26.71 -18.71 -7.85
C SER B 56 -25.83 -17.51 -7.58
N THR B 57 -25.84 -16.57 -8.50
CA THR B 57 -24.95 -15.41 -8.45
C THR B 57 -25.77 -14.14 -8.63
N ASP B 58 -25.29 -13.04 -8.05
CA ASP B 58 -25.81 -11.74 -8.43
C ASP B 58 -24.63 -10.87 -8.76
N TYR B 59 -24.78 -10.04 -9.76
CA TYR B 59 -23.67 -9.21 -10.20
C TYR B 59 -24.07 -7.73 -10.19
N ASN B 60 -23.08 -6.87 -9.92
CA ASN B 60 -23.21 -5.46 -10.23
C ASN B 60 -23.57 -5.27 -11.70
N ALA B 61 -24.72 -4.62 -11.94
CA ALA B 61 -25.22 -4.45 -13.30
C ALA B 61 -24.21 -3.81 -14.24
N ALA B 62 -23.24 -3.05 -13.71
CA ALA B 62 -22.25 -2.49 -14.62
C ALA B 62 -21.27 -3.53 -15.15
N PHE B 63 -21.20 -4.71 -14.54
CA PHE B 63 -20.25 -5.72 -14.95
C PHE B 63 -20.87 -7.02 -15.47
N ILE B 64 -22.19 -7.12 -15.58
CA ILE B 64 -22.82 -8.42 -15.83
C ILE B 64 -22.39 -9.01 -17.18
N SER B 65 -22.08 -8.18 -18.16
CA SER B 65 -21.71 -8.72 -19.46
C SER B 65 -20.30 -9.26 -19.49
N ARG B 66 -19.54 -9.07 -18.43
CA ARG B 66 -18.12 -9.28 -18.44
C ARG B 66 -17.65 -10.20 -17.32
N LEU B 67 -18.51 -10.59 -16.39
CA LEU B 67 -18.07 -11.20 -15.13
C LEU B 67 -18.82 -12.48 -14.83
N THR B 68 -18.09 -13.50 -14.39
CA THR B 68 -18.67 -14.77 -13.99
C THR B 68 -18.01 -15.16 -12.69
N ILE B 69 -18.84 -15.55 -11.71
CA ILE B 69 -18.36 -16.15 -10.48
C ILE B 69 -18.89 -17.58 -10.42
N SER B 70 -18.03 -18.53 -10.07
CA SER B 70 -18.44 -19.94 -9.92
C SER B 70 -17.68 -20.53 -8.75
N LYS B 71 -18.03 -21.75 -8.38
CA LYS B 71 -17.37 -22.32 -7.23
C LYS B 71 -17.36 -23.83 -7.35
N ASP B 72 -16.63 -24.44 -6.44
CA ASP B 72 -16.65 -25.90 -6.28
C ASP B 72 -16.69 -26.15 -4.77
N ASN B 73 -17.87 -26.51 -4.25
CA ASN B 73 -18.03 -26.75 -2.81
C ASN B 73 -17.04 -27.80 -2.30
N SER B 74 -16.82 -28.86 -3.09
CA SER B 74 -15.96 -29.94 -2.62
C SER B 74 -14.49 -29.51 -2.49
N LYS B 75 -14.08 -28.45 -3.20
CA LYS B 75 -12.70 -27.94 -3.18
C LYS B 75 -12.54 -26.71 -2.33
N SER B 76 -13.64 -26.19 -1.77
CA SER B 76 -13.62 -24.93 -1.04
C SER B 76 -12.96 -23.82 -1.87
N GLN B 77 -13.24 -23.80 -3.16
CA GLN B 77 -12.73 -22.72 -4.01
C GLN B 77 -13.84 -21.95 -4.70
N VAL B 78 -13.63 -20.66 -4.83
CA VAL B 78 -14.52 -19.78 -5.58
C VAL B 78 -13.68 -19.20 -6.70
N PHE B 79 -14.25 -19.12 -7.91
CA PHE B 79 -13.52 -18.64 -9.07
C PHE B 79 -14.16 -17.37 -9.60
N PHE B 80 -13.35 -16.33 -9.77
CA PHE B 80 -13.80 -15.07 -10.33
C PHE B 80 -13.20 -14.93 -11.72
N LYS B 81 -14.03 -14.61 -12.70
CA LYS B 81 -13.47 -14.38 -14.02
C LYS B 81 -14.12 -13.16 -14.64
N MET B 82 -13.29 -12.27 -15.19
CA MET B 82 -13.80 -11.06 -15.80
C MET B 82 -13.12 -10.90 -17.15
N ASN B 83 -13.90 -10.58 -18.18
CA ASN B 83 -13.42 -10.49 -19.55
C ASN B 83 -13.12 -9.05 -19.92
N SER B 84 -12.43 -8.91 -21.04
CA SER B 84 -12.30 -7.64 -21.74
C SER B 84 -11.81 -6.53 -20.82
N LEU B 85 -10.71 -6.82 -20.11
CA LEU B 85 -10.15 -5.85 -19.17
C LEU B 85 -9.52 -4.67 -19.90
N GLN B 86 -9.72 -3.49 -19.34
CA GLN B 86 -9.06 -2.28 -19.82
C GLN B 86 -8.14 -1.75 -18.72
N ALA B 87 -7.39 -0.70 -19.05
CA ALA B 87 -6.46 -0.11 -18.11
C ALA B 87 -7.11 0.20 -16.77
N ASN B 88 -8.33 0.74 -16.80
CA ASN B 88 -8.86 1.17 -15.52
C ASN B 88 -9.54 0.04 -14.76
N ASP B 89 -9.40 -1.21 -15.23
CA ASP B 89 -9.66 -2.37 -14.39
C ASP B 89 -8.49 -2.69 -13.48
N THR B 90 -7.39 -1.95 -13.59
CA THR B 90 -6.28 -2.15 -12.67
C THR B 90 -6.76 -1.86 -11.26
N GLY B 91 -6.42 -2.74 -10.32
CA GLY B 91 -6.77 -2.49 -8.94
C GLY B 91 -6.57 -3.75 -8.10
N ILE B 92 -7.16 -3.72 -6.91
CA ILE B 92 -7.04 -4.81 -5.96
C ILE B 92 -8.42 -5.44 -5.84
N TYR B 93 -8.47 -6.72 -6.17
CA TYR B 93 -9.72 -7.50 -6.21
C TYR B 93 -9.77 -8.35 -4.97
N TYR B 94 -10.83 -8.21 -4.18
CA TYR B 94 -11.01 -8.95 -2.95
C TYR B 94 -12.17 -9.91 -3.07
N CYS B 95 -12.03 -11.05 -2.39
CA CYS B 95 -13.18 -11.87 -2.02
C CYS B 95 -13.42 -11.71 -0.54
N GLY B 96 -14.63 -11.94 -0.11
CA GLY B 96 -14.90 -11.82 1.32
C GLY B 96 -16.09 -12.67 1.65
N ARG B 97 -16.10 -13.19 2.87
CA ARG B 97 -17.23 -13.96 3.33
C ARG B 97 -18.30 -13.05 3.90
N PRO B 98 -19.52 -13.08 3.38
CA PRO B 98 -20.64 -12.53 4.14
C PRO B 98 -20.98 -13.49 5.27
N TYR B 99 -20.96 -12.99 6.48
CA TYR B 99 -21.46 -13.84 7.56
C TYR B 99 -22.96 -14.08 7.38
N TYR B 100 -23.67 -13.02 7.06
CA TYR B 100 -25.04 -13.09 6.58
C TYR B 100 -25.25 -11.87 5.70
N GLY B 101 -26.01 -12.04 4.63
CA GLY B 101 -26.38 -10.90 3.80
C GLY B 101 -25.16 -10.15 3.26
N ASN B 102 -25.06 -8.84 3.54
CA ASN B 102 -23.97 -8.02 3.00
C ASN B 102 -22.93 -7.63 4.04
N VAL B 103 -22.87 -8.34 5.16
CA VAL B 103 -21.88 -8.09 6.22
C VAL B 103 -20.69 -9.01 5.96
N MET B 104 -19.60 -8.45 5.47
CA MET B 104 -18.48 -9.28 5.03
C MET B 104 -17.53 -9.39 6.21
N ASP B 105 -17.55 -10.53 6.89
CA ASP B 105 -16.86 -10.55 8.17
C ASP B 105 -15.39 -10.94 8.06
N TYR B 106 -15.00 -11.64 7.00
CA TYR B 106 -13.59 -12.02 6.80
C TYR B 106 -13.26 -11.81 5.33
N TRP B 107 -12.09 -11.26 5.03
CA TRP B 107 -11.74 -10.86 3.68
C TRP B 107 -10.53 -11.63 3.21
N GLY B 108 -10.46 -11.91 1.91
CA GLY B 108 -9.21 -12.34 1.32
C GLY B 108 -8.13 -11.25 1.50
N GLN B 109 -6.89 -11.62 1.23
CA GLN B 109 -5.82 -10.61 1.31
C GLN B 109 -5.82 -9.68 0.11
N GLY B 110 -6.66 -9.95 -0.91
CA GLY B 110 -6.64 -9.11 -2.09
C GLY B 110 -5.69 -9.65 -3.14
N THR B 111 -6.01 -9.39 -4.40
CA THR B 111 -5.21 -9.76 -5.55
C THR B 111 -5.01 -8.48 -6.33
N SER B 112 -3.76 -8.03 -6.42
CA SER B 112 -3.45 -6.84 -7.18
C SER B 112 -3.37 -7.19 -8.66
N VAL B 113 -4.16 -6.50 -9.47
CA VAL B 113 -4.24 -6.77 -10.90
C VAL B 113 -3.75 -5.52 -11.61
N THR B 114 -2.78 -5.69 -12.48
CA THR B 114 -2.34 -4.63 -13.39
C THR B 114 -2.76 -4.98 -14.80
N VAL B 115 -3.44 -4.05 -15.48
CA VAL B 115 -3.85 -4.25 -16.87
C VAL B 115 -2.95 -3.37 -17.72
N SER B 116 -2.09 -4.00 -18.53
CA SER B 116 -1.06 -3.23 -19.23
C SER B 116 -0.44 -4.09 -20.32
N SER B 117 -0.02 -3.44 -21.40
CA SER B 117 0.71 -4.14 -22.43
C SER B 117 2.22 -3.98 -22.28
N ALA B 118 2.68 -3.31 -21.23
CA ALA B 118 4.11 -3.18 -21.03
C ALA B 118 4.76 -4.56 -20.90
N LYS B 119 6.04 -4.63 -21.26
CA LYS B 119 6.75 -5.91 -21.31
C LYS B 119 7.37 -6.23 -19.96
N THR B 120 7.28 -7.51 -19.58
CA THR B 120 7.93 -7.96 -18.36
C THR B 120 9.43 -7.70 -18.44
N THR B 121 9.98 -7.02 -17.42
CA THR B 121 11.36 -6.57 -17.44
C THR B 121 12.01 -6.85 -16.10
N ALA B 122 13.14 -7.54 -16.11
CA ALA B 122 13.88 -7.81 -14.89
C ALA B 122 14.51 -6.51 -14.36
N PRO B 123 14.61 -6.35 -13.05
CA PRO B 123 15.25 -5.17 -12.47
C PRO B 123 16.77 -5.25 -12.46
N SER B 124 17.39 -4.07 -12.39
CA SER B 124 18.78 -3.99 -12.00
C SER B 124 18.78 -3.73 -10.50
N VAL B 125 19.71 -4.32 -9.80
CA VAL B 125 19.73 -4.24 -8.35
C VAL B 125 21.06 -3.64 -7.94
N TYR B 126 21.00 -2.44 -7.35
CA TYR B 126 22.22 -1.70 -7.09
C TYR B 126 22.40 -1.54 -5.59
N PRO B 127 23.57 -1.91 -5.05
CA PRO B 127 23.85 -1.67 -3.64
C PRO B 127 24.19 -0.21 -3.43
N LEU B 128 23.68 0.34 -2.34
CA LEU B 128 23.89 1.76 -1.99
C LEU B 128 24.76 1.79 -0.74
N ALA B 129 26.01 2.07 -0.92
CA ALA B 129 26.84 2.19 0.25
C ALA B 129 27.06 3.66 0.59
N PRO B 130 27.36 3.96 1.82
CA PRO B 130 27.52 5.36 2.19
C PRO B 130 28.58 6.09 1.40
N VAL B 131 28.49 7.39 1.45
CA VAL B 131 29.46 8.25 0.81
C VAL B 131 30.76 7.96 1.56
N CYS B 132 31.90 7.97 0.88
CA CYS B 132 33.15 7.67 1.57
C CYS B 132 33.89 8.94 1.90
N SER B 138 27.27 7.61 14.58
CA SER B 138 26.44 6.86 15.52
C SER B 138 25.65 5.74 14.81
N SER B 139 24.92 6.11 13.77
CA SER B 139 24.24 5.14 12.91
C SER B 139 24.80 5.23 11.50
N VAL B 140 24.72 4.11 10.76
CA VAL B 140 25.01 4.06 9.32
C VAL B 140 23.78 3.52 8.59
N THR B 141 23.48 4.12 7.44
CA THR B 141 22.37 3.68 6.61
C THR B 141 22.89 3.18 5.27
N LEU B 142 22.40 2.02 4.88
CA LEU B 142 22.76 1.41 3.63
C LEU B 142 21.47 1.30 2.84
N GLY B 143 21.59 1.12 1.53
CA GLY B 143 20.42 1.04 0.70
C GLY B 143 20.56 0.02 -0.40
N CYS B 144 19.46 -0.12 -1.13
CA CYS B 144 19.39 -1.04 -2.25
C CYS B 144 18.40 -0.40 -3.20
N LEU B 145 18.83 -0.19 -4.44
CA LEU B 145 17.97 0.40 -5.46
C LEU B 145 17.59 -0.71 -6.42
N VAL B 146 16.30 -0.89 -6.62
CA VAL B 146 15.75 -1.92 -7.49
C VAL B 146 15.10 -1.17 -8.66
N LYS B 147 15.77 -1.13 -9.79
CA LYS B 147 15.47 -0.17 -10.84
C LYS B 147 15.10 -0.87 -12.13
N GLY B 148 14.01 -0.41 -12.74
CA GLY B 148 13.71 -0.76 -14.11
C GLY B 148 13.10 -2.16 -14.21
N TYR B 149 12.05 -2.43 -13.44
CA TYR B 149 11.37 -3.71 -13.55
C TYR B 149 9.90 -3.55 -13.92
N PHE B 150 9.30 -4.65 -14.32
CA PHE B 150 7.87 -4.67 -14.63
C PHE B 150 7.46 -6.12 -14.76
N PRO B 151 6.26 -6.48 -14.27
CA PRO B 151 5.32 -5.69 -13.48
C PRO B 151 5.73 -5.76 -12.02
N GLU B 152 4.95 -5.10 -11.18
CA GLU B 152 4.92 -5.41 -9.75
C GLU B 152 4.54 -6.87 -9.56
N PRO B 153 5.03 -7.52 -8.50
CA PRO B 153 5.83 -6.87 -7.46
C PRO B 153 7.23 -7.42 -7.39
N VAL B 154 8.08 -6.75 -6.62
CA VAL B 154 9.34 -7.34 -6.18
C VAL B 154 9.22 -7.60 -4.69
N THR B 155 10.00 -8.56 -4.21
CA THR B 155 10.16 -8.74 -2.77
C THR B 155 11.60 -8.41 -2.42
N LEU B 156 11.79 -7.73 -1.30
CA LEU B 156 13.12 -7.35 -0.89
C LEU B 156 13.30 -7.65 0.58
N THR B 157 14.43 -8.24 0.94
CA THR B 157 14.78 -8.44 2.33
C THR B 157 16.24 -8.13 2.53
N TRP B 158 16.62 -8.04 3.79
CA TRP B 158 18.00 -7.80 4.17
C TRP B 158 18.48 -8.97 5.03
N ASN B 159 19.71 -9.42 4.76
CA ASN B 159 20.30 -10.60 5.42
C ASN B 159 19.26 -11.71 5.55
N SER B 160 18.60 -12.01 4.42
CA SER B 160 17.54 -13.00 4.30
C SER B 160 16.45 -12.85 5.36
N GLY B 161 15.98 -11.62 5.56
CA GLY B 161 14.88 -11.38 6.45
C GLY B 161 15.23 -11.32 7.92
N SER B 162 16.47 -11.62 8.30
CA SER B 162 16.87 -11.52 9.68
C SER B 162 17.11 -10.09 10.11
N LEU B 163 17.34 -9.17 9.16
CA LEU B 163 17.46 -7.76 9.45
C LEU B 163 16.14 -7.09 9.09
N SER B 164 15.39 -6.60 10.10
CA SER B 164 14.07 -6.02 9.87
C SER B 164 13.83 -4.70 10.62
N SER B 165 14.24 -4.77 11.90
N SER B 165 14.30 -4.48 11.86
CA SER B 165 14.58 -3.64 12.74
CA SER B 165 13.66 -3.39 12.65
C SER B 165 15.62 -2.83 11.98
C SER B 165 13.96 -1.95 12.15
N GLY B 166 15.08 -1.76 11.46
CA GLY B 166 15.76 -0.58 10.98
C GLY B 166 15.57 -0.41 9.49
N VAL B 167 14.62 -1.13 8.91
CA VAL B 167 14.46 -1.22 7.46
C VAL B 167 13.33 -0.31 7.04
N HIS B 168 13.53 0.41 5.94
CA HIS B 168 12.41 1.06 5.27
C HIS B 168 12.44 0.67 3.82
N THR B 169 11.35 0.07 3.36
CA THR B 169 11.20 -0.26 1.97
C THR B 169 10.08 0.59 1.40
N PHE B 170 10.39 1.28 0.35
CA PHE B 170 9.52 2.34 -0.16
C PHE B 170 8.64 1.81 -1.30
N PRO B 171 7.37 2.21 -1.32
CA PRO B 171 6.47 1.79 -2.39
C PRO B 171 7.08 2.11 -3.75
N ALA B 172 6.95 1.17 -4.68
CA ALA B 172 7.55 1.40 -5.98
C ALA B 172 6.95 2.62 -6.65
N VAL B 173 7.73 3.24 -7.52
CA VAL B 173 7.30 4.39 -8.30
C VAL B 173 7.43 3.99 -9.76
N LEU B 174 6.41 4.35 -10.53
CA LEU B 174 6.28 3.96 -11.93
C LEU B 174 6.60 5.15 -12.80
N GLN B 175 7.49 4.96 -13.77
CA GLN B 175 7.73 5.97 -14.79
C GLN B 175 8.10 5.26 -16.08
N SER B 176 7.49 5.70 -17.18
CA SER B 176 7.78 5.13 -18.49
C SER B 176 7.72 3.61 -18.46
N ASP B 177 6.63 3.09 -17.90
CA ASP B 177 6.31 1.66 -17.87
C ASP B 177 7.37 0.82 -17.15
N LEU B 178 8.26 1.42 -16.36
CA LEU B 178 9.14 0.61 -15.51
C LEU B 178 9.03 1.10 -14.09
N TYR B 179 9.17 0.16 -13.15
CA TYR B 179 9.09 0.49 -11.74
C TYR B 179 10.49 0.66 -11.17
N THR B 180 10.59 1.49 -10.13
CA THR B 180 11.80 1.62 -9.34
C THR B 180 11.43 1.56 -7.87
N LEU B 181 12.18 0.79 -7.10
CA LEU B 181 11.90 0.66 -5.69
C LEU B 181 13.22 0.81 -4.96
N SER B 182 13.16 1.35 -3.77
CA SER B 182 14.36 1.40 -2.96
C SER B 182 14.06 0.88 -1.57
N SER B 183 15.13 0.57 -0.86
CA SER B 183 15.01 0.20 0.53
C SER B 183 16.25 0.66 1.26
N SER B 184 16.10 1.07 2.50
CA SER B 184 17.22 1.47 3.32
C SER B 184 17.22 0.59 4.56
N VAL B 185 18.39 0.35 5.10
CA VAL B 185 18.50 -0.25 6.42
C VAL B 185 19.51 0.54 7.21
N THR B 186 19.19 0.79 8.47
CA THR B 186 20.00 1.62 9.34
C THR B 186 20.45 0.76 10.50
N VAL B 187 21.76 0.76 10.76
CA VAL B 187 22.37 0.03 11.87
C VAL B 187 23.27 0.98 12.66
N THR B 188 23.60 0.57 13.88
CA THR B 188 24.61 1.28 14.64
C THR B 188 25.91 1.30 13.85
N SER B 189 26.61 2.43 13.92
CA SER B 189 27.75 2.62 13.03
C SER B 189 28.85 1.59 13.23
N SER B 190 28.90 0.94 14.39
CA SER B 190 30.03 0.05 14.66
C SER B 190 29.85 -1.33 14.04
N THR B 191 28.64 -1.71 13.67
CA THR B 191 28.33 -3.06 13.25
C THR B 191 28.47 -3.28 11.76
N TRP B 192 28.73 -2.24 10.99
CA TRP B 192 28.98 -2.35 9.55
C TRP B 192 30.04 -1.31 9.27
N PRO B 193 31.02 -1.66 8.42
CA PRO B 193 31.10 -2.91 7.64
C PRO B 193 31.66 -4.16 8.34
N SER B 194 31.88 -4.11 9.65
CA SER B 194 32.35 -5.30 10.38
C SER B 194 31.47 -6.51 10.09
N GLN B 195 30.19 -6.41 10.43
CA GLN B 195 29.21 -7.45 10.15
C GLN B 195 28.60 -7.23 8.76
N SER B 196 28.33 -8.32 8.05
CA SER B 196 27.97 -8.20 6.64
C SER B 196 26.48 -7.91 6.45
N ILE B 197 26.17 -7.07 5.48
CA ILE B 197 24.80 -6.70 5.18
C ILE B 197 24.59 -6.88 3.70
N THR B 198 23.53 -7.62 3.36
CA THR B 198 23.23 -8.02 2.00
C THR B 198 21.77 -7.79 1.70
N CYS B 199 21.52 -7.26 0.49
CA CYS B 199 20.19 -7.03 -0.04
C CYS B 199 19.76 -8.28 -0.82
N ASN B 200 18.57 -8.81 -0.54
CA ASN B 200 18.04 -9.95 -1.29
C ASN B 200 16.81 -9.50 -2.05
N VAL B 201 16.86 -9.61 -3.38
CA VAL B 201 15.80 -9.10 -4.24
C VAL B 201 15.30 -10.23 -5.12
N ALA B 202 13.98 -10.39 -5.16
CA ALA B 202 13.35 -11.32 -6.10
C ALA B 202 12.32 -10.56 -6.93
N HIS B 203 12.32 -10.83 -8.24
CA HIS B 203 11.26 -10.37 -9.14
C HIS B 203 10.67 -11.61 -9.78
N PRO B 204 9.58 -12.16 -9.23
CA PRO B 204 9.07 -13.44 -9.74
C PRO B 204 8.75 -13.43 -11.21
N ALA B 205 8.03 -12.40 -11.69
CA ALA B 205 7.58 -12.35 -13.08
C ALA B 205 8.71 -12.52 -14.08
N SER B 206 9.96 -12.19 -13.70
CA SER B 206 11.10 -12.36 -14.57
C SER B 206 12.01 -13.49 -14.09
N SER B 207 11.62 -14.21 -13.04
CA SER B 207 12.48 -15.23 -12.44
C SER B 207 13.86 -14.67 -12.10
N THR B 208 13.86 -13.49 -11.52
CA THR B 208 15.09 -12.82 -11.09
C THR B 208 15.26 -13.05 -9.60
N LYS B 209 16.46 -13.42 -9.18
CA LYS B 209 16.76 -13.56 -7.76
C LYS B 209 18.22 -13.19 -7.57
N VAL B 210 18.46 -12.12 -6.81
CA VAL B 210 19.79 -11.53 -6.73
C VAL B 210 20.08 -11.17 -5.28
N ASP B 211 21.34 -11.33 -4.86
CA ASP B 211 21.85 -10.80 -3.61
C ASP B 211 22.93 -9.78 -3.94
N LYS B 212 22.88 -8.63 -3.27
CA LYS B 212 23.92 -7.63 -3.40
C LYS B 212 24.43 -7.32 -2.00
N LYS B 213 25.68 -7.69 -1.74
CA LYS B 213 26.30 -7.32 -0.49
C LYS B 213 26.66 -5.85 -0.54
N ILE B 214 26.44 -5.14 0.55
CA ILE B 214 26.80 -3.73 0.60
C ILE B 214 28.28 -3.68 0.94
N GLU B 215 29.10 -3.20 0.00
CA GLU B 215 30.54 -3.11 0.23
C GLU B 215 30.98 -1.66 0.38
N PRO B 216 31.86 -1.37 1.33
CA PRO B 216 32.29 0.01 1.55
C PRO B 216 32.92 0.60 0.30
N ARG B 217 32.74 1.91 0.12
CA ARG B 217 33.34 2.53 -1.07
C ARG B 217 34.86 2.69 -0.89
#